data_8K83
#
_entry.id   8K83
#
_cell.length_a   68.550
_cell.length_b   39.340
_cell.length_c   70.549
_cell.angle_alpha   90.000
_cell.angle_beta   98.807
_cell.angle_gamma   90.000
#
_symmetry.space_group_name_H-M   'P 1 21 1'
#
loop_
_entity.id
_entity.type
_entity.pdbx_description
1 polymer 'De novo design protein'
2 non-polymer '2-(N-MORPHOLINO)-ETHANESULFONIC ACID'
3 non-polymer GLYCEROL
4 water water
#
_entity_poly.entity_id   1
_entity_poly.type   'polypeptide(L)'
_entity_poly.pdbx_seq_one_letter_code
;GSAAAVEAQIAALVAAANAALAADDQAAVRAALAPLAELAKEHPELVAANPEVQALLKALIAKFEEFDLEVQRLVLAVVA
ELTKDNPEAVAFLKAAGFWPHLAAALRHPDLELVRLALAILSSSLAAVEAFVAALGLEGLEADLAYLRAAFPDSPAAELI
AKVEALLAELRAALEHHHHHH
;
_entity_poly.pdbx_strand_id   A,B
#
loop_
_chem_comp.id
_chem_comp.type
_chem_comp.name
_chem_comp.formula
GOL non-polymer GLYCEROL 'C3 H8 O3'
MES non-polymer '2-(N-MORPHOLINO)-ETHANESULFONIC ACID' 'C6 H13 N O4 S'
#
# COMPACT_ATOMS: atom_id res chain seq x y z
N SER A 2 9.12 -34.79 -9.84
CA SER A 2 8.01 -35.54 -10.40
C SER A 2 6.69 -35.10 -9.79
N ALA A 3 5.59 -35.42 -10.48
CA ALA A 3 4.27 -35.10 -9.95
C ALA A 3 3.97 -35.89 -8.68
N ALA A 4 4.47 -37.12 -8.59
CA ALA A 4 4.26 -37.92 -7.39
C ALA A 4 4.89 -37.26 -6.17
N ALA A 5 6.10 -36.71 -6.33
CA ALA A 5 6.73 -35.99 -5.23
C ALA A 5 5.91 -34.77 -4.82
N VAL A 6 5.41 -34.01 -5.81
CA VAL A 6 4.63 -32.82 -5.52
C VAL A 6 3.35 -33.20 -4.78
N GLU A 7 2.67 -34.25 -5.25
CA GLU A 7 1.48 -34.73 -4.56
C GLU A 7 1.78 -35.09 -3.11
N ALA A 8 2.93 -35.73 -2.86
CA ALA A 8 3.33 -36.04 -1.49
C ALA A 8 3.66 -34.77 -0.71
N GLN A 9 4.29 -33.80 -1.37
CA GLN A 9 4.54 -32.51 -0.74
C GLN A 9 3.24 -31.83 -0.34
N ILE A 10 2.24 -31.88 -1.22
CA ILE A 10 0.95 -31.27 -0.92
C ILE A 10 0.31 -31.94 0.30
N ALA A 11 0.32 -33.28 0.32
CA ALA A 11 -0.31 -34.00 1.42
C ALA A 11 0.32 -33.63 2.76
N ALA A 12 1.63 -33.42 2.77
CA ALA A 12 2.31 -33.04 4.01
C ALA A 12 1.87 -31.66 4.48
N LEU A 13 1.84 -30.69 3.56
CA LEU A 13 1.46 -29.34 3.92
C LEU A 13 0.00 -29.28 4.37
N VAL A 14 -0.88 -30.04 3.71
CA VAL A 14 -2.29 -29.99 4.07
C VAL A 14 -2.53 -30.69 5.40
N ALA A 15 -1.76 -31.74 5.70
CA ALA A 15 -1.88 -32.38 7.00
C ALA A 15 -1.51 -31.41 8.12
N ALA A 16 -0.46 -30.63 7.92
CA ALA A 16 -0.07 -29.66 8.94
C ALA A 16 -1.14 -28.58 9.10
N ALA A 17 -1.69 -28.10 8.00
CA ALA A 17 -2.72 -27.06 8.07
C ALA A 17 -3.96 -27.58 8.78
N ASN A 18 -4.42 -28.79 8.43
CA ASN A 18 -5.58 -29.35 9.09
C ASN A 18 -5.33 -29.59 10.58
N ALA A 19 -4.12 -30.03 10.94
CA ALA A 19 -3.80 -30.20 12.35
C ALA A 19 -3.83 -28.86 13.09
N ALA A 20 -3.26 -27.82 12.49
CA ALA A 20 -3.25 -26.51 13.10
C ALA A 20 -4.67 -25.96 13.28
N LEU A 21 -5.55 -26.24 12.31
CA LEU A 21 -6.93 -25.80 12.43
C LEU A 21 -7.65 -26.51 13.57
N ALA A 22 -7.47 -27.84 13.67
CA ALA A 22 -8.10 -28.60 14.74
C ALA A 22 -7.62 -28.15 16.11
N ALA A 23 -6.40 -27.65 16.21
CA ALA A 23 -5.84 -27.21 17.48
C ALA A 23 -6.09 -25.74 17.78
N ASP A 24 -6.73 -25.02 16.86
CA ASP A 24 -6.95 -23.58 17.01
C ASP A 24 -5.62 -22.85 17.27
N ASP A 25 -4.59 -23.23 16.51
CA ASP A 25 -3.26 -22.65 16.63
C ASP A 25 -3.02 -21.88 15.32
N GLN A 26 -3.40 -20.60 15.33
CA GLN A 26 -3.31 -19.82 14.09
C GLN A 26 -1.87 -19.55 13.68
N ALA A 27 -0.95 -19.47 14.64
CA ALA A 27 0.46 -19.38 14.28
C ALA A 27 0.88 -20.59 13.46
N ALA A 28 0.43 -21.79 13.85
CA ALA A 28 0.74 -22.98 13.07
C ALA A 28 -0.02 -22.99 11.75
N VAL A 29 -1.20 -22.37 11.70
CA VAL A 29 -1.90 -22.23 10.42
C VAL A 29 -1.05 -21.42 9.45
N ARG A 30 -0.52 -20.29 9.91
CA ARG A 30 0.35 -19.46 9.08
C ARG A 30 1.60 -20.23 8.65
N ALA A 31 2.24 -20.93 9.59
CA ALA A 31 3.43 -21.70 9.27
C ALA A 31 3.14 -22.77 8.24
N ALA A 32 1.90 -23.22 8.15
CA ALA A 32 1.48 -24.22 7.17
C ALA A 32 1.09 -23.60 5.84
N LEU A 33 0.34 -22.50 5.86
CA LEU A 33 -0.15 -21.90 4.61
C LEU A 33 0.97 -21.22 3.84
N ALA A 34 1.98 -20.71 4.53
CA ALA A 34 3.06 -20.01 3.84
C ALA A 34 3.82 -20.92 2.86
N PRO A 35 4.30 -22.12 3.25
CA PRO A 35 4.90 -22.99 2.21
C PRO A 35 3.89 -23.48 1.20
N LEU A 36 2.62 -23.60 1.57
CA LEU A 36 1.60 -24.00 0.59
C LEU A 36 1.45 -22.93 -0.49
N ALA A 37 1.53 -21.65 -0.10
CA ALA A 37 1.50 -20.58 -1.08
C ALA A 37 2.71 -20.66 -2.00
N GLU A 38 3.88 -20.98 -1.44
CA GLU A 38 5.08 -21.15 -2.26
C GLU A 38 4.92 -22.34 -3.21
N LEU A 39 4.46 -23.47 -2.68
CA LEU A 39 4.23 -24.64 -3.53
C LEU A 39 3.22 -24.34 -4.63
N ALA A 40 2.18 -23.57 -4.29
CA ALA A 40 1.17 -23.21 -5.28
C ALA A 40 1.76 -22.38 -6.41
N LYS A 41 2.66 -21.46 -6.07
CA LYS A 41 3.36 -20.71 -7.11
C LYS A 41 4.18 -21.65 -8.00
N GLU A 42 4.81 -22.65 -7.39
CA GLU A 42 5.72 -23.53 -8.13
C GLU A 42 4.96 -24.51 -9.00
N HIS A 43 3.82 -25.02 -8.53
CA HIS A 43 3.07 -26.07 -9.21
C HIS A 43 1.57 -25.80 -9.09
N PRO A 44 1.09 -24.71 -9.69
CA PRO A 44 -0.32 -24.34 -9.49
C PRO A 44 -1.30 -25.31 -10.13
N GLU A 45 -0.92 -25.96 -11.22
CA GLU A 45 -1.79 -26.97 -11.83
C GLU A 45 -2.08 -28.11 -10.87
N LEU A 46 -1.04 -28.62 -10.21
CA LEU A 46 -1.19 -29.80 -9.36
C LEU A 46 -1.84 -29.44 -8.03
N VAL A 47 -1.52 -28.26 -7.48
CA VAL A 47 -2.07 -27.86 -6.20
C VAL A 47 -3.57 -27.57 -6.34
N ALA A 48 -3.96 -26.82 -7.38
CA ALA A 48 -5.36 -26.47 -7.55
C ALA A 48 -6.24 -27.69 -7.81
N ALA A 49 -5.70 -28.70 -8.49
CA ALA A 49 -6.46 -29.92 -8.77
C ALA A 49 -6.53 -30.87 -7.58
N ASN A 50 -5.72 -30.66 -6.55
CA ASN A 50 -5.62 -31.62 -5.47
C ASN A 50 -6.87 -31.55 -4.60
N PRO A 51 -7.56 -32.68 -4.38
CA PRO A 51 -8.82 -32.62 -3.62
C PRO A 51 -8.63 -32.26 -2.14
N GLU A 52 -7.50 -32.60 -1.52
CA GLU A 52 -7.26 -32.17 -0.15
C GLU A 52 -7.07 -30.66 -0.07
N VAL A 53 -6.39 -30.08 -1.05
CA VAL A 53 -6.25 -28.63 -1.08
C VAL A 53 -7.61 -27.96 -1.24
N GLN A 54 -8.46 -28.52 -2.10
CA GLN A 54 -9.77 -27.93 -2.33
C GLN A 54 -10.63 -28.01 -1.07
N ALA A 55 -10.57 -29.14 -0.35
CA ALA A 55 -11.29 -29.26 0.90
C ALA A 55 -10.77 -28.26 1.94
N LEU A 56 -9.44 -28.08 1.99
CA LEU A 56 -8.87 -27.13 2.92
C LEU A 56 -9.30 -25.70 2.57
N LEU A 57 -9.26 -25.35 1.28
CA LEU A 57 -9.64 -24.01 0.87
C LEU A 57 -11.10 -23.71 1.19
N LYS A 58 -11.98 -24.70 1.00
CA LYS A 58 -13.38 -24.48 1.33
C LYS A 58 -13.57 -24.19 2.81
N ALA A 59 -12.83 -24.89 3.68
CA ALA A 59 -12.97 -24.66 5.11
C ALA A 59 -12.42 -23.30 5.51
N LEU A 60 -11.29 -22.90 4.92
CA LEU A 60 -10.72 -21.60 5.22
C LEU A 60 -11.61 -20.48 4.70
N ILE A 61 -12.19 -20.66 3.52
CA ILE A 61 -13.07 -19.63 2.96
C ILE A 61 -14.34 -19.50 3.79
N ALA A 62 -14.90 -20.63 4.21
CA ALA A 62 -16.15 -20.58 4.99
C ALA A 62 -16.00 -19.83 6.30
N LYS A 63 -14.79 -19.77 6.85
CA LYS A 63 -14.53 -19.13 8.14
C LYS A 63 -13.63 -17.91 8.00
N PHE A 64 -13.60 -17.31 6.80
CA PHE A 64 -12.54 -16.37 6.42
C PHE A 64 -12.37 -15.22 7.41
N GLU A 65 -13.46 -14.53 7.76
CA GLU A 65 -13.28 -13.36 8.61
C GLU A 65 -13.03 -13.69 10.07
N GLU A 66 -13.17 -14.95 10.49
CA GLU A 66 -12.81 -15.29 11.86
C GLU A 66 -11.31 -15.44 12.05
N PHE A 67 -10.54 -15.56 10.97
CA PHE A 67 -9.10 -15.70 11.07
C PHE A 67 -8.43 -14.34 11.23
N ASP A 68 -7.27 -14.34 11.89
CA ASP A 68 -6.55 -13.09 11.99
C ASP A 68 -5.95 -12.71 10.63
N LEU A 69 -5.46 -11.47 10.56
CA LEU A 69 -5.15 -10.87 9.27
C LEU A 69 -4.05 -11.62 8.54
N GLU A 70 -3.03 -12.08 9.27
CA GLU A 70 -1.92 -12.79 8.64
C GLU A 70 -2.39 -14.09 8.00
N VAL A 71 -3.37 -14.77 8.60
CA VAL A 71 -3.93 -15.97 7.99
C VAL A 71 -4.76 -15.59 6.77
N GLN A 72 -5.61 -14.55 6.90
CA GLN A 72 -6.40 -14.10 5.76
C GLN A 72 -5.52 -13.77 4.56
N ARG A 73 -4.40 -13.08 4.80
CA ARG A 73 -3.48 -12.77 3.72
C ARG A 73 -2.97 -14.05 3.05
N LEU A 74 -2.60 -15.05 3.84
CA LEU A 74 -2.04 -16.27 3.27
C LEU A 74 -3.10 -17.08 2.53
N VAL A 75 -4.35 -17.06 2.99
CA VAL A 75 -5.42 -17.70 2.24
C VAL A 75 -5.54 -17.06 0.86
N LEU A 76 -5.60 -15.73 0.82
CA LEU A 76 -5.68 -15.06 -0.46
C LEU A 76 -4.41 -15.25 -1.29
N ALA A 77 -3.26 -15.33 -0.63
CA ALA A 77 -2.02 -15.58 -1.37
C ALA A 77 -2.07 -16.93 -2.06
N VAL A 78 -2.59 -17.96 -1.38
CA VAL A 78 -2.73 -19.27 -2.03
C VAL A 78 -3.66 -19.16 -3.23
N VAL A 79 -4.83 -18.54 -3.05
CA VAL A 79 -5.80 -18.46 -4.13
C VAL A 79 -5.25 -17.62 -5.28
N ALA A 80 -4.47 -16.59 -4.96
CA ALA A 80 -3.92 -15.76 -6.03
C ALA A 80 -2.96 -16.55 -6.91
N GLU A 81 -2.17 -17.45 -6.30
CA GLU A 81 -1.28 -18.29 -7.09
C GLU A 81 -2.05 -19.30 -7.94
N LEU A 82 -3.18 -19.79 -7.44
CA LEU A 82 -3.96 -20.79 -8.16
C LEU A 82 -4.84 -20.17 -9.25
N THR A 83 -5.23 -18.90 -9.11
CA THR A 83 -6.07 -18.28 -10.12
C THR A 83 -5.27 -17.58 -11.21
N LYS A 84 -3.95 -17.40 -11.02
CA LYS A 84 -3.12 -16.75 -12.02
C LYS A 84 -3.21 -17.47 -13.37
N ASP A 85 -3.61 -16.74 -14.41
CA ASP A 85 -3.76 -17.28 -15.76
C ASP A 85 -4.63 -18.54 -15.77
N ASN A 86 -5.59 -18.62 -14.86
CA ASN A 86 -6.39 -19.82 -14.67
C ASN A 86 -7.84 -19.45 -14.40
N PRO A 87 -8.61 -19.16 -15.45
CA PRO A 87 -10.04 -18.90 -15.26
C PRO A 87 -10.80 -20.12 -14.77
N GLU A 88 -10.28 -21.33 -14.97
CA GLU A 88 -11.04 -22.50 -14.56
C GLU A 88 -11.10 -22.68 -13.05
N ALA A 89 -10.24 -21.99 -12.30
CA ALA A 89 -10.34 -21.99 -10.84
C ALA A 89 -11.54 -21.21 -10.34
N VAL A 90 -12.21 -20.44 -11.20
CA VAL A 90 -13.30 -19.60 -10.75
C VAL A 90 -14.52 -20.43 -10.37
N ALA A 91 -14.75 -21.54 -11.07
CA ALA A 91 -15.92 -22.36 -10.77
C ALA A 91 -15.84 -22.96 -9.37
N PHE A 92 -14.66 -23.44 -8.97
CA PHE A 92 -14.49 -23.90 -7.60
C PHE A 92 -14.75 -22.80 -6.60
N LEU A 93 -14.27 -21.58 -6.89
CA LEU A 93 -14.45 -20.49 -5.95
C LEU A 93 -15.91 -20.12 -5.80
N LYS A 94 -16.66 -20.14 -6.91
CA LYS A 94 -18.10 -19.91 -6.85
C LYS A 94 -18.76 -20.97 -5.97
N ALA A 95 -18.38 -22.23 -6.15
CA ALA A 95 -18.99 -23.32 -5.38
C ALA A 95 -18.65 -23.22 -3.90
N ALA A 96 -17.49 -22.66 -3.56
CA ALA A 96 -17.08 -22.48 -2.17
C ALA A 96 -17.67 -21.23 -1.53
N GLY A 97 -18.49 -20.47 -2.24
CA GLY A 97 -19.03 -19.23 -1.70
C GLY A 97 -18.01 -18.12 -1.53
N PHE A 98 -16.97 -18.11 -2.37
CA PHE A 98 -15.81 -17.26 -2.14
C PHE A 98 -16.10 -15.79 -2.37
N TRP A 99 -16.94 -15.47 -3.35
CA TRP A 99 -16.92 -14.12 -3.88
C TRP A 99 -17.47 -13.08 -2.90
N PRO A 100 -18.51 -13.38 -2.10
CA PRO A 100 -18.84 -12.44 -1.00
C PRO A 100 -17.71 -12.21 -0.02
N HIS A 101 -16.87 -13.22 0.24
CA HIS A 101 -15.73 -13.01 1.13
C HIS A 101 -14.71 -12.08 0.49
N LEU A 102 -14.45 -12.28 -0.80
CA LEU A 102 -13.52 -11.40 -1.50
C LEU A 102 -14.03 -9.97 -1.50
N ALA A 103 -15.35 -9.81 -1.64
CA ALA A 103 -15.94 -8.48 -1.68
C ALA A 103 -15.72 -7.74 -0.36
N ALA A 104 -15.87 -8.43 0.78
CA ALA A 104 -15.59 -7.79 2.06
C ALA A 104 -14.11 -7.52 2.24
N ALA A 105 -13.25 -8.43 1.74
CA ALA A 105 -11.82 -8.20 1.82
C ALA A 105 -11.41 -6.92 1.10
N LEU A 106 -12.07 -6.62 -0.02
CA LEU A 106 -11.74 -5.40 -0.77
C LEU A 106 -12.04 -4.14 0.04
N ARG A 107 -12.89 -4.22 1.05
CA ARG A 107 -13.18 -3.08 1.91
C ARG A 107 -12.42 -3.13 3.22
N HIS A 108 -11.49 -4.07 3.36
CA HIS A 108 -10.63 -4.14 4.54
C HIS A 108 -9.59 -3.03 4.49
N PRO A 109 -9.22 -2.45 5.63
CA PRO A 109 -8.20 -1.38 5.63
C PRO A 109 -6.78 -1.85 5.33
N ASP A 110 -6.48 -3.15 5.31
CA ASP A 110 -5.12 -3.61 5.10
C ASP A 110 -4.77 -3.62 3.61
N LEU A 111 -3.78 -2.81 3.22
CA LEU A 111 -3.41 -2.71 1.81
C LEU A 111 -2.91 -4.04 1.25
N GLU A 112 -2.18 -4.81 2.04
CA GLU A 112 -1.68 -6.09 1.54
C GLU A 112 -2.84 -7.03 1.21
N LEU A 113 -3.81 -7.12 2.13
CA LEU A 113 -4.99 -7.95 1.86
C LEU A 113 -5.73 -7.46 0.61
N VAL A 114 -5.88 -6.13 0.47
CA VAL A 114 -6.58 -5.58 -0.68
C VAL A 114 -5.84 -5.91 -1.96
N ARG A 115 -4.50 -5.80 -1.94
CA ARG A 115 -3.72 -6.10 -3.13
C ARG A 115 -3.90 -7.56 -3.54
N LEU A 116 -3.91 -8.48 -2.57
CA LEU A 116 -4.11 -9.88 -2.92
C LEU A 116 -5.51 -10.12 -3.46
N ALA A 117 -6.51 -9.49 -2.85
CA ALA A 117 -7.88 -9.61 -3.36
C ALA A 117 -7.96 -9.12 -4.80
N LEU A 118 -7.33 -7.97 -5.09
CA LEU A 118 -7.31 -7.44 -6.45
C LEU A 118 -6.54 -8.34 -7.40
N ALA A 119 -5.48 -8.99 -6.94
CA ALA A 119 -4.76 -9.94 -7.77
C ALA A 119 -5.66 -11.09 -8.20
N ILE A 120 -6.49 -11.59 -7.27
CA ILE A 120 -7.43 -12.65 -7.62
C ILE A 120 -8.51 -12.12 -8.56
N LEU A 121 -9.08 -10.96 -8.23
CA LEU A 121 -10.15 -10.40 -9.04
C LEU A 121 -9.70 -10.16 -10.47
N SER A 122 -8.48 -9.67 -10.66
CA SER A 122 -7.98 -9.31 -11.96
C SER A 122 -7.38 -10.49 -12.72
N SER A 123 -7.42 -11.70 -12.16
CA SER A 123 -6.70 -12.82 -12.75
C SER A 123 -7.31 -13.28 -14.07
N SER A 124 -8.61 -13.03 -14.30
CA SER A 124 -9.25 -13.43 -15.54
C SER A 124 -10.56 -12.70 -15.68
N LEU A 125 -11.07 -12.64 -16.92
CA LEU A 125 -12.41 -12.12 -17.11
C LEU A 125 -13.44 -12.96 -16.38
N ALA A 126 -13.22 -14.28 -16.31
CA ALA A 126 -14.14 -15.16 -15.58
C ALA A 126 -14.26 -14.76 -14.12
N ALA A 127 -13.15 -14.35 -13.50
CA ALA A 127 -13.20 -13.91 -12.10
C ALA A 127 -14.05 -12.65 -11.96
N VAL A 128 -13.87 -11.68 -12.87
CA VAL A 128 -14.68 -10.47 -12.82
C VAL A 128 -16.15 -10.80 -13.06
N GLU A 129 -16.43 -11.72 -14.00
CA GLU A 129 -17.81 -12.13 -14.23
C GLU A 129 -18.42 -12.75 -12.98
N ALA A 130 -17.68 -13.62 -12.29
CA ALA A 130 -18.20 -14.23 -11.09
C ALA A 130 -18.45 -13.19 -10.01
N PHE A 131 -17.54 -12.22 -9.87
CA PHE A 131 -17.71 -11.18 -8.85
C PHE A 131 -18.94 -10.34 -9.15
N VAL A 132 -19.11 -9.96 -10.42
CA VAL A 132 -20.25 -9.13 -10.83
C VAL A 132 -21.56 -9.90 -10.71
N ALA A 133 -21.52 -11.22 -10.94
CA ALA A 133 -22.73 -12.03 -10.74
C ALA A 133 -23.23 -11.95 -9.31
N ALA A 134 -22.33 -11.72 -8.35
CA ALA A 134 -22.72 -11.61 -6.95
C ALA A 134 -22.94 -10.17 -6.50
N LEU A 135 -22.08 -9.25 -6.93
CA LEU A 135 -22.10 -7.88 -6.43
C LEU A 135 -22.55 -6.84 -7.43
N GLY A 136 -22.75 -7.21 -8.70
CA GLY A 136 -23.26 -6.28 -9.68
C GLY A 136 -22.18 -5.41 -10.30
N LEU A 137 -22.49 -4.89 -11.48
CA LEU A 137 -21.63 -3.92 -12.14
C LEU A 137 -21.41 -2.71 -11.24
N GLU A 138 -22.50 -2.16 -10.70
CA GLU A 138 -22.42 -0.98 -9.85
C GLU A 138 -21.61 -1.25 -8.59
N GLY A 139 -21.82 -2.42 -7.97
CA GLY A 139 -21.05 -2.76 -6.77
C GLY A 139 -19.56 -2.80 -7.03
N LEU A 140 -19.15 -3.41 -8.15
CA LEU A 140 -17.73 -3.46 -8.47
C LEU A 140 -17.21 -2.07 -8.85
N GLU A 141 -17.95 -1.34 -9.68
CA GLU A 141 -17.54 0.03 -10.03
C GLU A 141 -17.30 0.86 -8.78
N ALA A 142 -18.22 0.78 -7.82
CA ALA A 142 -18.09 1.56 -6.59
C ALA A 142 -16.88 1.11 -5.77
N ASP A 143 -16.60 -0.20 -5.72
CA ASP A 143 -15.38 -0.68 -5.07
C ASP A 143 -14.14 -0.05 -5.70
N LEU A 144 -14.04 -0.10 -7.03
CA LEU A 144 -12.84 0.39 -7.69
C LEU A 144 -12.65 1.88 -7.46
N ALA A 145 -13.74 2.65 -7.50
CA ALA A 145 -13.66 4.09 -7.24
C ALA A 145 -13.20 4.36 -5.81
N TYR A 146 -13.78 3.65 -4.85
CA TYR A 146 -13.34 3.76 -3.46
C TYR A 146 -11.86 3.40 -3.30
N LEU A 147 -11.43 2.31 -3.93
CA LEU A 147 -10.04 1.87 -3.76
C LEU A 147 -9.05 2.84 -4.39
N ARG A 148 -9.41 3.42 -5.53
CA ARG A 148 -8.51 4.40 -6.16
C ARG A 148 -8.24 5.57 -5.22
N ALA A 149 -9.25 6.01 -4.48
CA ALA A 149 -9.07 7.12 -3.55
C ALA A 149 -8.44 6.66 -2.24
N ALA A 150 -8.75 5.44 -1.79
CA ALA A 150 -8.24 4.97 -0.52
C ALA A 150 -6.76 4.60 -0.56
N PHE A 151 -6.26 4.08 -1.68
CA PHE A 151 -4.91 3.53 -1.75
C PHE A 151 -4.14 4.07 -2.96
N PRO A 152 -3.76 5.34 -2.94
CA PRO A 152 -2.91 5.88 -4.02
C PRO A 152 -1.46 5.43 -3.90
N ASP A 153 -0.77 5.47 -5.04
CA ASP A 153 0.66 5.15 -5.16
C ASP A 153 1.02 3.87 -4.42
N SER A 154 0.36 2.80 -4.82
CA SER A 154 0.55 1.51 -4.16
C SER A 154 0.43 0.43 -5.23
N PRO A 155 0.76 -0.83 -4.92
CA PRO A 155 0.50 -1.89 -5.90
C PRO A 155 -0.94 -1.91 -6.41
N ALA A 156 -1.88 -1.43 -5.60
CA ALA A 156 -3.30 -1.53 -5.93
C ALA A 156 -3.64 -0.81 -7.24
N ALA A 157 -2.98 0.32 -7.52
CA ALA A 157 -3.38 1.16 -8.64
C ALA A 157 -3.38 0.38 -9.95
N GLU A 158 -2.30 -0.35 -10.24
CA GLU A 158 -2.24 -1.11 -11.48
C GLU A 158 -3.24 -2.27 -11.46
N LEU A 159 -3.47 -2.88 -10.30
CA LEU A 159 -4.45 -3.96 -10.22
C LEU A 159 -5.87 -3.41 -10.36
N ILE A 160 -6.15 -2.24 -9.78
CA ILE A 160 -7.46 -1.62 -9.94
C ILE A 160 -7.73 -1.34 -11.41
N ALA A 161 -6.72 -0.83 -12.12
CA ALA A 161 -6.88 -0.55 -13.54
C ALA A 161 -7.11 -1.84 -14.34
N LYS A 162 -6.39 -2.91 -14.00
CA LYS A 162 -6.61 -4.19 -14.66
C LYS A 162 -8.05 -4.66 -14.47
N VAL A 163 -8.60 -4.51 -13.26
CA VAL A 163 -9.99 -4.89 -13.05
C VAL A 163 -10.92 -3.99 -13.87
N GLU A 164 -10.63 -2.69 -13.88
CA GLU A 164 -11.47 -1.75 -14.60
C GLU A 164 -11.49 -2.08 -16.10
N ALA A 165 -10.35 -2.50 -16.65
CA ALA A 165 -10.31 -2.87 -18.07
C ALA A 165 -11.11 -4.13 -18.34
N LEU A 166 -11.03 -5.12 -17.44
CA LEU A 166 -11.84 -6.33 -17.60
C LEU A 166 -13.32 -6.00 -17.47
N LEU A 167 -13.65 -5.12 -16.51
CA LEU A 167 -15.04 -4.70 -16.32
C LEU A 167 -15.58 -4.02 -17.57
N ALA A 168 -14.77 -3.19 -18.23
CA ALA A 168 -15.24 -2.53 -19.45
C ALA A 168 -15.55 -3.56 -20.53
N GLU A 169 -14.70 -4.58 -20.65
CA GLU A 169 -14.97 -5.66 -21.59
C GLU A 169 -16.26 -6.40 -21.24
N LEU A 170 -16.46 -6.69 -19.95
CA LEU A 170 -17.69 -7.35 -19.52
C LEU A 170 -18.91 -6.49 -19.79
N ARG A 171 -18.82 -5.19 -19.46
CA ARG A 171 -19.95 -4.29 -19.69
C ARG A 171 -20.37 -4.27 -21.14
N ALA A 172 -19.40 -4.20 -22.06
CA ALA A 172 -19.72 -4.20 -23.48
C ALA A 172 -20.42 -5.48 -23.90
N ALA A 173 -19.93 -6.62 -23.40
CA ALA A 173 -20.52 -7.90 -23.75
C ALA A 173 -21.95 -8.01 -23.24
N LEU A 174 -22.21 -7.50 -22.02
CA LEU A 174 -23.55 -7.58 -21.45
C LEU A 174 -24.54 -6.68 -22.16
N GLU A 175 -24.08 -5.62 -22.82
CA GLU A 175 -24.97 -4.71 -23.54
C GLU A 175 -25.61 -5.41 -24.74
N SER B 2 18.43 -6.78 -6.78
CA SER B 2 17.26 -7.63 -6.61
C SER B 2 16.17 -6.92 -5.81
N ALA B 3 14.99 -6.78 -6.40
CA ALA B 3 13.88 -6.14 -5.71
C ALA B 3 13.45 -6.94 -4.48
N ALA B 4 13.57 -8.26 -4.53
CA ALA B 4 13.18 -9.08 -3.39
C ALA B 4 14.10 -8.84 -2.21
N ALA B 5 15.39 -8.61 -2.46
CA ALA B 5 16.31 -8.31 -1.37
C ALA B 5 16.02 -6.96 -0.75
N VAL B 6 15.75 -5.95 -1.58
CA VAL B 6 15.36 -4.64 -1.07
C VAL B 6 14.12 -4.74 -0.20
N GLU B 7 13.11 -5.48 -0.67
CA GLU B 7 11.89 -5.67 0.11
C GLU B 7 12.18 -6.27 1.47
N ALA B 8 13.15 -7.19 1.54
CA ALA B 8 13.51 -7.81 2.82
C ALA B 8 14.18 -6.79 3.74
N GLN B 9 15.00 -5.91 3.19
CA GLN B 9 15.61 -4.86 4.01
C GLN B 9 14.54 -3.89 4.50
N ILE B 10 13.60 -3.51 3.62
CA ILE B 10 12.50 -2.65 4.02
C ILE B 10 11.73 -3.26 5.19
N ALA B 11 11.30 -4.51 5.04
CA ALA B 11 10.47 -5.14 6.05
C ALA B 11 11.19 -5.24 7.39
N ALA B 12 12.50 -5.50 7.38
CA ALA B 12 13.23 -5.59 8.63
C ALA B 12 13.38 -4.23 9.28
N LEU B 13 13.67 -3.19 8.48
CA LEU B 13 13.78 -1.84 9.04
C LEU B 13 12.46 -1.36 9.60
N VAL B 14 11.35 -1.63 8.90
CA VAL B 14 10.04 -1.19 9.38
C VAL B 14 9.65 -1.94 10.65
N ALA B 15 10.00 -3.22 10.72
CA ALA B 15 9.77 -3.96 11.97
C ALA B 15 10.53 -3.33 13.12
N ALA B 16 11.79 -2.94 12.90
CA ALA B 16 12.58 -2.31 13.95
C ALA B 16 11.98 -0.97 14.35
N ALA B 17 11.48 -0.20 13.37
CA ALA B 17 10.85 1.08 13.68
C ALA B 17 9.59 0.88 14.52
N ASN B 18 8.75 -0.08 14.15
CA ASN B 18 7.53 -0.33 14.90
C ASN B 18 7.82 -0.83 16.30
N ALA B 19 8.83 -1.69 16.45
CA ALA B 19 9.24 -2.13 17.78
C ALA B 19 9.70 -0.96 18.62
N ALA B 20 10.43 -0.01 18.02
CA ALA B 20 10.90 1.15 18.77
C ALA B 20 9.73 2.06 19.16
N LEU B 21 8.75 2.20 18.28
CA LEU B 21 7.60 3.06 18.59
C LEU B 21 6.79 2.50 19.75
N ALA B 22 6.51 1.19 19.71
CA ALA B 22 5.77 0.56 20.80
C ALA B 22 6.51 0.70 22.12
N ALA B 23 7.84 0.74 22.08
CA ALA B 23 8.67 0.88 23.28
C ALA B 23 8.92 2.33 23.67
N ASP B 24 8.43 3.28 22.88
CA ASP B 24 8.64 4.71 23.13
C ASP B 24 10.13 5.03 23.24
N ASP B 25 10.92 4.44 22.34
CA ASP B 25 12.37 4.59 22.34
C ASP B 25 12.71 5.36 21.06
N GLN B 26 12.76 6.68 21.17
CA GLN B 26 12.99 7.52 19.99
C GLN B 26 14.41 7.42 19.46
N ALA B 27 15.38 7.01 20.30
CA ALA B 27 16.70 6.72 19.79
C ALA B 27 16.66 5.52 18.84
N ALA B 28 15.88 4.50 19.19
CA ALA B 28 15.74 3.34 18.32
C ALA B 28 14.89 3.65 17.11
N VAL B 29 13.92 4.57 17.23
CA VAL B 29 13.20 5.02 16.05
C VAL B 29 14.16 5.65 15.05
N ARG B 30 15.03 6.55 15.52
CA ARG B 30 16.02 7.16 14.65
C ARG B 30 16.93 6.11 14.01
N ALA B 31 17.35 5.12 14.81
CA ALA B 31 18.27 4.10 14.31
C ALA B 31 17.65 3.30 13.17
N ALA B 32 16.32 3.16 13.15
CA ALA B 32 15.63 2.47 12.07
C ALA B 32 15.32 3.39 10.90
N LEU B 33 14.99 4.66 11.17
CA LEU B 33 14.58 5.55 10.10
C LEU B 33 15.75 5.98 9.23
N ALA B 34 16.94 6.15 9.81
CA ALA B 34 18.08 6.59 9.01
C ALA B 34 18.42 5.62 7.89
N PRO B 35 18.51 4.30 8.12
CA PRO B 35 18.71 3.39 6.98
C PRO B 35 17.52 3.34 6.04
N LEU B 36 16.31 3.55 6.55
CA LEU B 36 15.15 3.60 5.67
C LEU B 36 15.24 4.79 4.71
N ALA B 37 15.76 5.92 5.19
CA ALA B 37 15.94 7.07 4.32
C ALA B 37 16.97 6.80 3.24
N GLU B 38 18.04 6.09 3.57
CA GLU B 38 19.01 5.72 2.55
C GLU B 38 18.41 4.76 1.54
N LEU B 39 17.63 3.78 2.00
CA LEU B 39 16.93 2.89 1.08
C LEU B 39 15.95 3.67 0.20
N ALA B 40 15.31 4.70 0.78
CA ALA B 40 14.39 5.52 0.00
C ALA B 40 15.13 6.28 -1.09
N LYS B 41 16.34 6.74 -0.81
CA LYS B 41 17.16 7.39 -1.83
C LYS B 41 17.48 6.43 -2.97
N GLU B 42 17.83 5.19 -2.64
CA GLU B 42 18.28 4.24 -3.65
C GLU B 42 17.12 3.64 -4.43
N HIS B 43 15.99 3.44 -3.77
CA HIS B 43 14.86 2.70 -4.34
C HIS B 43 13.56 3.38 -3.96
N PRO B 44 13.33 4.61 -4.43
CA PRO B 44 12.15 5.36 -3.96
C PRO B 44 10.83 4.71 -4.32
N GLU B 45 10.71 4.12 -5.50
CA GLU B 45 9.45 3.50 -5.89
C GLU B 45 9.14 2.27 -5.06
N LEU B 46 10.16 1.44 -4.80
CA LEU B 46 9.95 0.26 -3.96
C LEU B 46 9.58 0.63 -2.53
N VAL B 47 10.23 1.66 -1.98
CA VAL B 47 9.96 2.03 -0.59
C VAL B 47 8.57 2.66 -0.47
N ALA B 48 8.21 3.56 -1.40
CA ALA B 48 6.92 4.23 -1.32
C ALA B 48 5.76 3.26 -1.53
N ALA B 49 5.93 2.25 -2.38
CA ALA B 49 4.86 1.30 -2.65
C ALA B 49 4.74 0.21 -1.58
N ASN B 50 5.67 0.14 -0.63
CA ASN B 50 5.67 -0.93 0.34
C ASN B 50 4.56 -0.69 1.37
N PRO B 51 3.64 -1.64 1.58
CA PRO B 51 2.53 -1.40 2.50
C PRO B 51 2.96 -1.18 3.94
N GLU B 52 4.04 -1.83 4.38
CA GLU B 52 4.51 -1.61 5.74
C GLU B 52 5.07 -0.20 5.90
N VAL B 53 5.81 0.28 4.91
CA VAL B 53 6.30 1.66 4.96
C VAL B 53 5.13 2.64 5.01
N GLN B 54 4.11 2.41 4.18
CA GLN B 54 2.97 3.32 4.16
C GLN B 54 2.28 3.37 5.51
N ALA B 55 2.07 2.21 6.15
CA ALA B 55 1.47 2.19 7.48
C ALA B 55 2.36 2.91 8.49
N LEU B 56 3.68 2.72 8.38
CA LEU B 56 4.61 3.40 9.29
C LEU B 56 4.54 4.92 9.10
N LEU B 57 4.57 5.38 7.85
CA LEU B 57 4.51 6.81 7.60
C LEU B 57 3.21 7.41 8.10
N LYS B 58 2.09 6.70 7.93
CA LYS B 58 0.81 7.21 8.44
C LYS B 58 0.85 7.37 9.95
N ALA B 59 1.45 6.40 10.66
CA ALA B 59 1.53 6.49 12.11
C ALA B 59 2.44 7.63 12.55
N LEU B 60 3.59 7.79 11.87
CA LEU B 60 4.50 8.88 12.23
C LEU B 60 3.87 10.24 11.93
N ILE B 61 3.14 10.34 10.82
CA ILE B 61 2.52 11.59 10.44
C ILE B 61 1.43 11.97 11.44
N ALA B 62 0.69 10.97 11.94
CA ALA B 62 -0.42 11.25 12.84
C ALA B 62 0.06 11.88 14.15
N LYS B 63 1.25 11.51 14.63
CA LYS B 63 1.79 12.05 15.87
C LYS B 63 3.05 12.87 15.64
N PHE B 64 3.17 13.44 14.43
CA PHE B 64 4.42 14.05 13.98
C PHE B 64 5.00 15.03 14.99
N GLU B 65 4.17 15.92 15.52
CA GLU B 65 4.68 16.97 16.39
C GLU B 65 5.05 16.49 17.79
N GLU B 66 4.71 15.25 18.14
CA GLU B 66 5.10 14.69 19.42
C GLU B 66 6.51 14.12 19.42
N PHE B 67 7.09 13.88 18.25
CA PHE B 67 8.43 13.29 18.18
C PHE B 67 9.51 14.35 18.33
N ASP B 68 10.68 13.89 18.76
CA ASP B 68 11.87 14.73 18.84
C ASP B 68 12.20 15.30 17.46
N LEU B 69 12.93 16.42 17.47
CA LEU B 69 13.28 17.09 16.23
C LEU B 69 14.07 16.17 15.30
N GLU B 70 15.00 15.39 15.86
CA GLU B 70 15.79 14.47 15.04
C GLU B 70 14.89 13.46 14.34
N VAL B 71 13.83 13.00 15.01
CA VAL B 71 12.90 12.08 14.37
C VAL B 71 12.09 12.79 13.29
N GLN B 72 11.58 13.99 13.59
CA GLN B 72 10.84 14.74 12.57
C GLN B 72 11.69 14.96 11.33
N ARG B 73 12.96 15.30 11.50
CA ARG B 73 13.84 15.48 10.35
C ARG B 73 13.93 14.21 9.52
N LEU B 74 14.09 13.06 10.17
CA LEU B 74 14.27 11.82 9.43
C LEU B 74 12.99 11.43 8.70
N VAL B 75 11.83 11.70 9.29
CA VAL B 75 10.57 11.43 8.61
C VAL B 75 10.50 12.24 7.31
N LEU B 76 10.81 13.54 7.40
CA LEU B 76 10.82 14.36 6.19
C LEU B 76 11.91 13.96 5.23
N ALA B 77 13.06 13.49 5.74
CA ALA B 77 14.11 13.00 4.84
C ALA B 77 13.63 11.81 4.04
N VAL B 78 12.90 10.89 4.68
CA VAL B 78 12.30 9.78 3.94
C VAL B 78 11.34 10.30 2.88
N VAL B 79 10.42 11.18 3.28
CA VAL B 79 9.44 11.69 2.32
C VAL B 79 10.13 12.46 1.19
N ALA B 80 11.19 13.21 1.51
CA ALA B 80 11.90 13.95 0.48
C ALA B 80 12.49 13.03 -0.58
N GLU B 81 12.97 11.85 -0.18
CA GLU B 81 13.50 10.91 -1.17
C GLU B 81 12.38 10.29 -2.00
N LEU B 82 11.22 10.04 -1.37
CA LEU B 82 10.10 9.45 -2.09
C LEU B 82 9.47 10.42 -3.08
N THR B 83 9.57 11.72 -2.83
CA THR B 83 8.90 12.69 -3.71
C THR B 83 9.84 13.31 -4.75
N LYS B 84 11.15 13.09 -4.65
CA LYS B 84 12.08 13.60 -5.65
C LYS B 84 11.76 13.00 -7.01
N ASP B 85 11.42 13.86 -7.98
CA ASP B 85 11.06 13.42 -9.33
C ASP B 85 10.02 12.30 -9.32
N ASN B 86 9.20 12.26 -8.28
CA ASN B 86 8.16 11.24 -8.13
C ASN B 86 6.89 11.91 -7.65
N PRO B 87 6.24 12.69 -8.52
CA PRO B 87 4.98 13.34 -8.13
C PRO B 87 3.88 12.38 -7.74
N GLU B 88 3.98 11.10 -8.14
CA GLU B 88 2.93 10.15 -7.80
C GLU B 88 2.82 9.94 -6.30
N ALA B 89 3.92 10.12 -5.57
CA ALA B 89 3.88 9.97 -4.12
C ALA B 89 3.05 11.04 -3.44
N VAL B 90 2.77 12.14 -4.13
CA VAL B 90 1.99 13.22 -3.52
C VAL B 90 0.59 12.74 -3.17
N ALA B 91 -0.01 11.91 -4.02
CA ALA B 91 -1.37 11.43 -3.77
C ALA B 91 -1.44 10.59 -2.50
N PHE B 92 -0.40 9.77 -2.26
CA PHE B 92 -0.35 9.02 -1.01
C PHE B 92 -0.29 9.95 0.19
N LEU B 93 0.56 10.97 0.11
CA LEU B 93 0.71 11.89 1.25
C LEU B 93 -0.62 12.59 1.57
N LYS B 94 -1.39 12.93 0.53
CA LYS B 94 -2.73 13.45 0.77
C LYS B 94 -3.58 12.46 1.56
N ALA B 95 -3.57 11.19 1.14
CA ALA B 95 -4.34 10.17 1.85
C ALA B 95 -3.83 9.95 3.26
N ALA B 96 -2.57 10.23 3.52
CA ALA B 96 -1.99 10.05 4.84
C ALA B 96 -2.20 11.24 5.76
N GLY B 97 -2.88 12.29 5.32
CA GLY B 97 -3.05 13.48 6.13
C GLY B 97 -1.78 14.28 6.31
N PHE B 98 -0.86 14.19 5.35
CA PHE B 98 0.49 14.73 5.52
C PHE B 98 0.52 16.25 5.46
N TRP B 99 -0.29 16.85 4.62
CA TRP B 99 0.00 18.23 4.27
C TRP B 99 -0.26 19.23 5.40
N PRO B 100 -1.29 19.07 6.24
CA PRO B 100 -1.37 19.92 7.43
C PRO B 100 -0.14 19.83 8.32
N HIS B 101 0.53 18.67 8.39
CA HIS B 101 1.71 18.55 9.23
C HIS B 101 2.93 19.20 8.59
N LEU B 102 3.08 19.04 7.27
CA LEU B 102 4.11 19.78 6.57
C LEU B 102 3.90 21.28 6.73
N ALA B 103 2.64 21.72 6.66
CA ALA B 103 2.34 23.15 6.81
C ALA B 103 2.81 23.66 8.16
N ALA B 104 2.62 22.87 9.22
CA ALA B 104 3.10 23.29 10.53
C ALA B 104 4.62 23.26 10.59
N ALA B 105 5.24 22.28 9.92
CA ALA B 105 6.70 22.17 9.91
C ALA B 105 7.34 23.41 9.29
N LEU B 106 6.68 24.03 8.32
CA LEU B 106 7.24 25.23 7.69
C LEU B 106 7.37 26.39 8.68
N ARG B 107 6.60 26.38 9.76
CA ARG B 107 6.68 27.40 10.79
C ARG B 107 7.52 26.96 11.99
N HIS B 108 8.24 25.86 11.86
CA HIS B 108 9.15 25.38 12.90
C HIS B 108 10.45 26.18 12.86
N PRO B 109 11.05 26.48 14.01
CA PRO B 109 12.26 27.32 14.01
C PRO B 109 13.51 26.63 13.47
N ASP B 110 13.51 25.30 13.33
CA ASP B 110 14.71 24.59 12.90
C ASP B 110 14.89 24.71 11.40
N LEU B 111 16.01 25.30 10.96
CA LEU B 111 16.24 25.52 9.54
C LEU B 111 16.31 24.21 8.77
N GLU B 112 16.93 23.18 9.35
CA GLU B 112 17.07 21.92 8.64
C GLU B 112 15.70 21.29 8.36
N LEU B 113 14.83 21.28 9.36
CA LEU B 113 13.47 20.79 9.15
C LEU B 113 12.76 21.59 8.05
N VAL B 114 12.89 22.92 8.09
CA VAL B 114 12.23 23.76 7.10
C VAL B 114 12.78 23.46 5.71
N ARG B 115 14.10 23.28 5.59
CA ARG B 115 14.68 22.96 4.28
C ARG B 115 14.14 21.64 3.75
N LEU B 116 14.01 20.64 4.62
CA LEU B 116 13.43 19.36 4.21
C LEU B 116 11.99 19.54 3.77
N ALA B 117 11.21 20.31 4.52
CA ALA B 117 9.83 20.57 4.12
C ALA B 117 9.77 21.26 2.77
N LEU B 118 10.65 22.23 2.55
CA LEU B 118 10.68 22.96 1.28
C LEU B 118 11.13 22.08 0.13
N ALA B 119 12.04 21.14 0.38
CA ALA B 119 12.43 20.19 -0.65
C ALA B 119 11.24 19.36 -1.09
N ILE B 120 10.42 18.93 -0.14
CA ILE B 120 9.22 18.16 -0.47
C ILE B 120 8.22 19.03 -1.22
N LEU B 121 7.96 20.23 -0.70
CA LEU B 121 6.96 21.11 -1.29
C LEU B 121 7.32 21.49 -2.73
N SER B 122 8.60 21.72 -2.99
CA SER B 122 9.08 22.16 -4.29
C SER B 122 9.38 21.02 -5.24
N SER B 123 9.16 19.76 -4.81
CA SER B 123 9.58 18.62 -5.61
C SER B 123 8.77 18.47 -6.90
N SER B 124 7.57 19.06 -6.97
CA SER B 124 6.76 18.96 -8.18
C SER B 124 5.60 19.96 -8.07
N LEU B 125 5.03 20.30 -9.23
CA LEU B 125 3.80 21.07 -9.23
C LEU B 125 2.70 20.33 -8.48
N ALA B 126 2.67 19.00 -8.55
CA ALA B 126 1.67 18.24 -7.83
C ALA B 126 1.77 18.47 -6.33
N ALA B 127 2.98 18.59 -5.80
CA ALA B 127 3.15 18.86 -4.37
C ALA B 127 2.55 20.20 -4.00
N VAL B 128 2.85 21.24 -4.79
CA VAL B 128 2.31 22.56 -4.51
C VAL B 128 0.79 22.55 -4.62
N GLU B 129 0.25 21.84 -5.62
CA GLU B 129 -1.20 21.75 -5.76
C GLU B 129 -1.84 21.08 -4.55
N ALA B 130 -1.20 20.04 -4.00
CA ALA B 130 -1.76 19.37 -2.83
C ALA B 130 -1.72 20.27 -1.62
N PHE B 131 -0.61 20.98 -1.42
CA PHE B 131 -0.51 21.94 -0.32
C PHE B 131 -1.59 23.02 -0.45
N VAL B 132 -1.75 23.58 -1.64
CA VAL B 132 -2.74 24.63 -1.85
C VAL B 132 -4.15 24.06 -1.70
N ALA B 133 -4.37 22.81 -2.10
CA ALA B 133 -5.69 22.19 -1.92
C ALA B 133 -6.10 22.18 -0.44
N ALA B 134 -5.13 22.12 0.46
CA ALA B 134 -5.42 22.09 1.89
C ALA B 134 -5.36 23.46 2.55
N LEU B 135 -4.36 24.29 2.22
CA LEU B 135 -4.15 25.55 2.91
C LEU B 135 -4.43 26.78 2.07
N GLY B 136 -4.75 26.61 0.79
CA GLY B 136 -5.14 27.72 -0.04
C GLY B 136 -3.96 28.47 -0.62
N LEU B 137 -4.24 29.25 -1.67
CA LEU B 137 -3.21 30.08 -2.27
C LEU B 137 -2.65 31.07 -1.25
N GLU B 138 -3.54 31.68 -0.46
CA GLU B 138 -3.11 32.72 0.48
C GLU B 138 -2.30 32.11 1.61
N GLY B 139 -2.68 30.92 2.07
CA GLY B 139 -1.91 30.26 3.12
C GLY B 139 -0.48 29.97 2.69
N LEU B 140 -0.31 29.50 1.44
CA LEU B 140 1.05 29.23 0.95
C LEU B 140 1.80 30.54 0.70
N GLU B 141 1.15 31.53 0.10
CA GLU B 141 1.78 32.83 -0.12
C GLU B 141 2.27 33.40 1.20
N ALA B 142 1.42 33.36 2.23
CA ALA B 142 1.81 33.89 3.54
C ALA B 142 2.98 33.12 4.14
N ASP B 143 2.98 31.80 3.98
CA ASP B 143 4.10 31.00 4.49
C ASP B 143 5.41 31.42 3.84
N LEU B 144 5.39 31.59 2.52
CA LEU B 144 6.61 31.93 1.80
C LEU B 144 7.12 33.31 2.21
N ALA B 145 6.22 34.27 2.40
CA ALA B 145 6.63 35.59 2.84
C ALA B 145 7.21 35.52 4.24
N TYR B 146 6.60 34.73 5.11
CA TYR B 146 7.13 34.50 6.45
C TYR B 146 8.54 33.90 6.40
N LEU B 147 8.72 32.88 5.55
CA LEU B 147 10.01 32.20 5.47
C LEU B 147 11.11 33.12 4.96
N ARG B 148 10.76 34.07 4.09
CA ARG B 148 11.76 35.03 3.61
C ARG B 148 12.26 35.91 4.75
N ALA B 149 11.35 36.41 5.58
CA ALA B 149 11.74 37.27 6.69
C ALA B 149 12.41 36.48 7.81
N ALA B 150 11.98 35.23 8.02
CA ALA B 150 12.50 34.46 9.16
C ALA B 150 13.87 33.86 8.88
N PHE B 151 14.20 33.61 7.62
CA PHE B 151 15.46 32.97 7.25
C PHE B 151 16.14 33.77 6.15
N PRO B 152 16.65 34.96 6.48
CA PRO B 152 17.28 35.81 5.46
C PRO B 152 18.61 35.25 5.01
N ASP B 153 18.82 35.28 3.68
CA ASP B 153 20.08 34.84 3.07
C ASP B 153 20.50 33.46 3.56
N SER B 154 19.55 32.55 3.63
CA SER B 154 19.75 31.19 4.08
C SER B 154 19.95 30.27 2.88
N PRO B 155 20.44 29.04 3.11
CA PRO B 155 20.44 28.04 2.03
C PRO B 155 19.05 27.60 1.61
N ALA B 156 18.00 28.09 2.28
CA ALA B 156 16.63 27.80 1.90
C ALA B 156 16.05 28.83 0.93
N ALA B 157 16.77 29.92 0.66
CA ALA B 157 16.24 30.96 -0.21
C ALA B 157 15.91 30.41 -1.59
N GLU B 158 16.78 29.56 -2.14
CA GLU B 158 16.56 29.02 -3.48
C GLU B 158 15.32 28.12 -3.51
N LEU B 159 15.08 27.36 -2.43
CA LEU B 159 13.89 26.50 -2.40
C LEU B 159 12.62 27.31 -2.21
N ILE B 160 12.67 28.36 -1.39
CA ILE B 160 11.52 29.26 -1.26
C ILE B 160 11.14 29.82 -2.62
N ALA B 161 12.13 30.30 -3.37
CA ALA B 161 11.86 30.84 -4.70
C ALA B 161 11.31 29.78 -5.64
N LYS B 162 11.81 28.54 -5.53
CA LYS B 162 11.31 27.48 -6.39
C LYS B 162 9.83 27.20 -6.11
N VAL B 163 9.42 27.21 -4.84
CA VAL B 163 7.99 27.06 -4.53
C VAL B 163 7.20 28.23 -5.08
N GLU B 164 7.72 29.46 -4.93
CA GLU B 164 7.06 30.64 -5.49
C GLU B 164 6.81 30.47 -6.99
N ALA B 165 7.80 29.97 -7.73
CA ALA B 165 7.65 29.82 -9.17
C ALA B 165 6.60 28.78 -9.53
N LEU B 166 6.56 27.66 -8.80
CA LEU B 166 5.48 26.69 -9.03
C LEU B 166 4.12 27.29 -8.69
N LEU B 167 4.07 28.06 -7.60
CA LEU B 167 2.81 28.68 -7.20
C LEU B 167 2.30 29.63 -8.28
N ALA B 168 3.19 30.40 -8.90
CA ALA B 168 2.80 31.30 -9.97
C ALA B 168 2.21 30.51 -11.14
N GLU B 169 2.84 29.39 -11.48
CA GLU B 169 2.32 28.54 -12.54
C GLU B 169 0.95 27.96 -12.18
N LEU B 170 0.77 27.59 -10.90
CA LEU B 170 -0.53 27.07 -10.47
C LEU B 170 -1.59 28.16 -10.48
N ARG B 171 -1.22 29.36 -10.01
CA ARG B 171 -2.14 30.49 -9.99
C ARG B 171 -2.68 30.81 -11.39
N ALA B 172 -1.79 30.81 -12.39
CA ALA B 172 -2.22 31.08 -13.75
C ALA B 172 -3.13 29.97 -14.27
N ALA B 173 -2.81 28.71 -13.95
CA ALA B 173 -3.64 27.60 -14.40
C ALA B 173 -5.01 27.64 -13.75
N LEU B 174 -5.06 27.95 -12.45
CA LEU B 174 -6.34 27.98 -11.74
C LEU B 174 -7.23 29.09 -12.26
N GLU B 175 -6.64 30.21 -12.68
CA GLU B 175 -7.42 31.29 -13.28
C GLU B 175 -7.93 30.87 -14.64
N HIS B 176 -7.11 30.16 -15.41
CA HIS B 176 -7.50 29.67 -16.72
C HIS B 176 -8.59 28.60 -16.64
N HIS B 177 -8.79 27.99 -15.46
CA HIS B 177 -9.87 27.04 -15.27
C HIS B 177 -11.18 27.69 -14.85
N HIS B 178 -11.13 28.86 -14.24
CA HIS B 178 -12.32 29.52 -13.73
C HIS B 178 -12.78 30.65 -14.66
O1 MES C . -23.65 3.78 2.62
C2 MES C . -22.61 4.27 3.47
C3 MES C . -21.47 4.90 2.66
N4 MES C . -21.10 3.99 1.57
C5 MES C . -22.18 3.48 0.74
C6 MES C . -23.18 2.82 1.68
C7 MES C . -19.85 4.33 0.91
C8 MES C . -19.79 3.57 -0.41
S MES C . -18.35 3.83 -1.20
O1S MES C . -17.23 3.47 -0.31
O2S MES C . -18.23 5.25 -1.60
O3S MES C . -18.34 2.97 -2.41
C1 GOL D . -3.10 -0.01 4.87
O1 GOL D . -2.02 -0.64 5.45
C2 GOL D . -2.77 1.49 4.63
O2 GOL D . -2.86 2.24 5.80
C3 GOL D . -1.37 1.52 4.01
O3 GOL D . -1.33 2.65 3.18
O1 MES E . -2.84 35.64 13.60
C2 MES E . -2.75 34.97 12.34
C3 MES E . -1.58 35.42 11.46
N4 MES E . -0.38 35.43 12.29
C5 MES E . -0.45 36.22 13.51
C6 MES E . -1.61 35.69 14.34
C7 MES E . 0.93 35.37 11.61
C8 MES E . 0.73 35.51 10.10
S MES E . 2.19 35.34 9.32
O1S MES E . 2.05 34.42 8.18
O2S MES E . 3.22 34.83 10.25
O3S MES E . 2.60 36.67 8.80
#